data_6BVY
#
_entry.id   6BVY
#
_entity_poly.entity_id   1
_entity_poly.type   'polypeptide(L)'
_entity_poly.pdbx_seq_one_letter_code
;CTASIPPIC(E9V)(DPN)(MMO)WR
;
_entity_poly.pdbx_strand_id   A
#
# COMPACT_ATOMS: atom_id res chain seq x y z
N CYS A 1 0.67 0.51 -5.21
CA CYS A 1 0.12 0.53 -3.86
C CYS A 1 0.91 1.47 -2.96
N THR A 2 0.42 1.66 -1.74
CA THR A 2 1.09 2.54 -0.78
C THR A 2 2.16 1.79 0.00
N ALA A 3 3.20 2.53 0.42
CA ALA A 3 4.29 1.94 1.18
C ALA A 3 3.94 1.84 2.65
N SER A 4 2.81 1.20 2.95
CA SER A 4 2.36 1.02 4.33
C SER A 4 2.53 -0.42 4.79
N ILE A 5 2.32 -0.65 6.07
CA ILE A 5 2.46 -1.99 6.64
C ILE A 5 1.38 -2.25 7.69
N PRO A 6 0.34 -2.99 7.28
CA PRO A 6 0.23 -3.53 5.92
C PRO A 6 -0.03 -2.44 4.89
N PRO A 7 0.10 -2.80 3.60
CA PRO A 7 -0.11 -1.86 2.50
C PRO A 7 -1.58 -1.48 2.34
N ILE A 8 -1.82 -0.33 1.70
CA ILE A 8 -3.18 0.15 1.49
C ILE A 8 -3.48 0.29 0.00
N CYS A 9 -4.35 -0.58 -0.50
CA CYS A 9 -4.74 -0.55 -1.91
C CYS A 9 -6.26 -0.60 -2.07
N TRP A 13 -3.72 -0.90 -7.89
CA TRP A 13 -3.06 0.40 -7.94
C TRP A 13 -1.61 0.30 -7.49
N ARG A 14 -0.80 1.28 -7.89
CA ARG A 14 0.61 1.29 -7.54
C ARG A 14 0.79 1.55 -6.05
N CYS A 1 0.64 0.54 -5.24
CA CYS A 1 0.12 0.52 -3.88
C CYS A 1 0.93 1.46 -2.97
N THR A 2 0.44 1.65 -1.75
CA THR A 2 1.10 2.52 -0.79
C THR A 2 2.18 1.77 -0.01
N ALA A 3 3.22 2.48 0.40
CA ALA A 3 4.30 1.88 1.16
C ALA A 3 3.97 1.78 2.64
N SER A 4 2.83 1.16 2.94
CA SER A 4 2.38 1.01 4.32
C SER A 4 2.54 -0.43 4.78
N ILE A 5 2.33 -0.66 6.07
CA ILE A 5 2.45 -2.00 6.64
C ILE A 5 1.37 -2.24 7.70
N PRO A 6 0.32 -2.97 7.30
CA PRO A 6 0.20 -3.52 5.94
C PRO A 6 -0.06 -2.43 4.90
N PRO A 7 0.07 -2.79 3.62
CA PRO A 7 -0.14 -1.86 2.51
C PRO A 7 -1.60 -1.45 2.36
N ILE A 8 -1.83 -0.31 1.71
CA ILE A 8 -3.18 0.18 1.49
C ILE A 8 -3.49 0.32 0.00
N CYS A 9 -4.35 -0.57 -0.50
CA CYS A 9 -4.72 -0.55 -1.90
C CYS A 9 -6.25 -0.62 -2.05
N TRP A 13 -3.72 -0.89 -7.88
CA TRP A 13 -3.08 0.43 -7.96
C TRP A 13 -1.62 0.34 -7.53
N ARG A 14 -0.84 1.35 -7.89
CA ARG A 14 0.58 1.38 -7.54
C ARG A 14 0.77 1.61 -6.05
N CYS A 1 0.74 0.41 -5.10
CA CYS A 1 0.11 0.52 -3.80
C CYS A 1 0.86 1.50 -2.91
N THR A 2 0.38 1.67 -1.68
CA THR A 2 1.00 2.58 -0.73
C THR A 2 2.11 1.89 0.05
N ALA A 3 3.10 2.67 0.48
CA ALA A 3 4.22 2.12 1.24
C ALA A 3 3.85 1.98 2.72
N SER A 4 2.76 1.29 3.00
CA SER A 4 2.30 1.09 4.37
C SER A 4 2.53 -0.35 4.80
N ILE A 5 2.32 -0.61 6.09
CA ILE A 5 2.51 -1.96 6.64
C ILE A 5 1.43 -2.29 7.67
N PRO A 6 0.44 -3.06 7.24
CA PRO A 6 0.36 -3.58 5.87
C PRO A 6 0.06 -2.50 4.86
N PRO A 7 0.23 -2.82 3.56
CA PRO A 7 -0.02 -1.88 2.47
C PRO A 7 -1.50 -1.56 2.31
N ILE A 8 -1.78 -0.42 1.69
CA ILE A 8 -3.17 0.01 1.46
C ILE A 8 -3.45 0.17 -0.02
N CYS A 9 -4.39 -0.62 -0.53
CA CYS A 9 -4.76 -0.56 -1.94
C CYS A 9 -6.27 -0.57 -2.10
N TRP A 13 -3.72 -0.92 -7.89
CA TRP A 13 -3.01 0.35 -7.94
C TRP A 13 -1.58 0.20 -7.42
N ARG A 14 -0.68 1.05 -7.91
CA ARG A 14 0.71 1.00 -7.50
C ARG A 14 0.86 1.37 -6.02
N CYS A 1 0.62 0.57 -5.26
CA CYS A 1 0.13 0.52 -3.89
C CYS A 1 0.94 1.46 -3.00
N THR A 2 0.46 1.65 -1.76
CA THR A 2 1.13 2.51 -0.81
C THR A 2 2.20 1.74 -0.03
N ALA A 3 3.25 2.44 0.38
CA ALA A 3 4.33 1.83 1.14
C ALA A 3 3.98 1.74 2.62
N SER A 4 2.84 1.14 2.92
CA SER A 4 2.39 0.99 4.30
C SER A 4 2.52 -0.46 4.76
N ILE A 5 2.32 -0.67 6.06
CA ILE A 5 2.42 -2.01 6.63
C ILE A 5 1.34 -2.24 7.68
N PRO A 6 0.27 -2.96 7.30
CA PRO A 6 0.15 -3.50 5.94
C PRO A 6 -0.08 -2.41 4.90
N PRO A 7 0.03 -2.78 3.62
CA PRO A 7 -0.16 -1.86 2.50
C PRO A 7 -1.61 -1.43 2.34
N ILE A 8 -1.83 -0.28 1.72
CA ILE A 8 -3.18 0.23 1.51
C ILE A 8 -3.49 0.36 0.02
N CYS A 9 -4.34 -0.54 -0.48
CA CYS A 9 -4.72 -0.53 -1.89
C CYS A 9 -6.23 -0.61 -2.04
N TRP A 13 -3.72 -0.89 -7.88
CA TRP A 13 -3.10 0.43 -7.96
C TRP A 13 -1.63 0.36 -7.56
N ARG A 14 -0.88 1.41 -7.88
CA ARG A 14 0.53 1.48 -7.54
C ARG A 14 0.74 1.65 -6.04
N CYS A 1 0.65 0.57 -5.27
CA CYS A 1 0.14 0.53 -3.91
C CYS A 1 0.95 1.46 -3.00
N THR A 2 0.46 1.64 -1.78
CA THR A 2 1.13 2.51 -0.82
C THR A 2 2.18 1.74 -0.03
N ALA A 3 3.24 2.45 0.38
CA ALA A 3 4.32 1.83 1.14
C ALA A 3 3.97 1.74 2.62
N SER A 4 2.82 1.14 2.92
CA SER A 4 2.36 0.99 4.30
C SER A 4 2.49 -0.45 4.76
N ILE A 5 2.33 -0.67 6.06
CA ILE A 5 2.44 -2.00 6.64
C ILE A 5 1.36 -2.23 7.69
N PRO A 6 0.30 -2.96 7.30
CA PRO A 6 0.17 -3.50 5.95
C PRO A 6 -0.08 -2.42 4.91
N PRO A 7 0.04 -2.78 3.62
CA PRO A 7 -0.16 -1.85 2.51
C PRO A 7 -1.61 -1.43 2.36
N ILE A 8 -1.83 -0.28 1.72
CA ILE A 8 -3.18 0.22 1.51
C ILE A 8 -3.49 0.35 0.02
N CYS A 9 -4.34 -0.54 -0.48
CA CYS A 9 -4.72 -0.53 -1.89
C CYS A 9 -6.24 -0.62 -2.04
N TRP A 13 -3.71 -0.87 -7.88
CA TRP A 13 -3.09 0.44 -7.95
C TRP A 13 -1.62 0.36 -7.55
N ARG A 14 -0.87 1.41 -7.88
CA ARG A 14 0.56 1.46 -7.56
C ARG A 14 0.76 1.65 -6.06
N CYS A 1 0.56 0.63 -5.32
CA CYS A 1 0.13 0.52 -3.93
C CYS A 1 0.96 1.43 -3.03
N THR A 2 0.49 1.63 -1.80
CA THR A 2 1.18 2.47 -0.85
C THR A 2 2.22 1.68 -0.06
N ALA A 3 3.30 2.34 0.33
CA ALA A 3 4.37 1.70 1.09
C ALA A 3 4.03 1.64 2.57
N SER A 4 2.86 1.08 2.89
CA SER A 4 2.42 0.97 4.28
C SER A 4 2.51 -0.48 4.76
N ILE A 5 2.31 -0.66 6.05
CA ILE A 5 2.37 -2.00 6.65
C ILE A 5 1.27 -2.18 7.70
N PRO A 6 0.20 -2.89 7.31
CA PRO A 6 0.07 -3.46 5.98
C PRO A 6 -0.14 -2.39 4.90
N PRO A 7 -0.02 -2.80 3.63
CA PRO A 7 -0.18 -1.88 2.49
C PRO A 7 -1.63 -1.44 2.32
N ILE A 8 -1.82 -0.24 1.74
CA ILE A 8 -3.16 0.29 1.51
C ILE A 8 -3.46 0.39 0.03
N CYS A 9 -4.32 -0.49 -0.46
CA CYS A 9 -4.71 -0.50 -1.87
C CYS A 9 -6.22 -0.62 -2.01
N TRP A 13 -3.72 -0.85 -7.88
CA TRP A 13 -3.14 0.48 -7.97
C TRP A 13 -1.65 0.44 -7.60
N ARG A 14 -0.97 1.56 -7.84
CA ARG A 14 0.45 1.66 -7.54
C ARG A 14 0.68 1.76 -6.04
N CYS A 1 0.59 0.63 -5.32
CA CYS A 1 0.12 0.53 -3.93
C CYS A 1 0.93 1.44 -3.02
N THR A 2 0.45 1.60 -1.79
CA THR A 2 1.14 2.44 -0.81
C THR A 2 2.19 1.65 -0.04
N ALA A 3 3.27 2.32 0.32
CA ALA A 3 4.35 1.68 1.06
C ALA A 3 4.05 1.64 2.55
N SER A 4 2.89 1.08 2.90
CA SER A 4 2.47 0.98 4.29
C SER A 4 2.57 -0.46 4.79
N ILE A 5 2.38 -0.64 6.09
CA ILE A 5 2.44 -1.97 6.69
C ILE A 5 1.37 -2.14 7.76
N PRO A 6 0.28 -2.85 7.41
CA PRO A 6 0.12 -3.43 6.07
C PRO A 6 -0.09 -2.36 5.00
N PRO A 7 -0.01 -2.77 3.73
CA PRO A 7 -0.19 -1.87 2.59
C PRO A 7 -1.64 -1.42 2.44
N ILE A 8 -1.84 -0.32 1.71
CA ILE A 8 -3.18 0.21 1.49
C ILE A 8 -3.49 0.33 0.00
N CYS A 9 -4.35 -0.55 -0.50
CA CYS A 9 -4.73 -0.54 -1.90
C CYS A 9 -6.24 -0.65 -2.05
N TRP A 13 -3.73 -0.83 -7.90
CA TRP A 13 -3.13 0.50 -7.97
C TRP A 13 -1.65 0.45 -7.60
N ARG A 14 -0.94 1.55 -7.86
CA ARG A 14 0.47 1.64 -7.54
C ARG A 14 0.70 1.75 -6.05
N CYS A 1 0.75 0.35 -4.99
CA CYS A 1 0.10 0.50 -3.70
C CYS A 1 0.85 1.51 -2.84
N THR A 2 0.37 1.71 -1.61
CA THR A 2 0.99 2.65 -0.69
C THR A 2 2.12 1.99 0.09
N ALA A 3 3.05 2.81 0.57
CA ALA A 3 4.19 2.31 1.35
C ALA A 3 3.81 2.10 2.81
N SER A 4 2.72 1.37 3.05
CA SER A 4 2.25 1.11 4.40
C SER A 4 2.52 -0.34 4.79
N ILE A 5 2.30 -0.66 6.07
CA ILE A 5 2.50 -2.00 6.57
C ILE A 5 1.42 -2.38 7.58
N PRO A 6 0.45 -3.18 7.12
CA PRO A 6 0.40 -3.66 5.73
C PRO A 6 0.08 -2.53 4.74
N PRO A 7 0.26 -2.83 3.45
CA PRO A 7 0.00 -1.86 2.38
C PRO A 7 -1.48 -1.56 2.21
N ILE A 8 -1.79 -0.37 1.70
CA ILE A 8 -3.17 0.03 1.48
C ILE A 8 -3.47 0.22 0.00
N CYS A 9 -4.34 -0.64 -0.53
CA CYS A 9 -4.71 -0.58 -1.94
C CYS A 9 -6.22 -0.53 -2.10
N TRP A 13 -3.73 -0.98 -7.94
CA TRP A 13 -2.99 0.29 -8.00
C TRP A 13 -1.61 0.15 -7.36
N ARG A 14 -0.61 0.79 -7.94
CA ARG A 14 0.75 0.74 -7.42
C ARG A 14 0.80 1.24 -5.98
N CYS A 1 0.75 0.44 -5.07
CA CYS A 1 0.14 0.54 -3.75
C CYS A 1 0.90 1.53 -2.87
N THR A 2 0.42 1.71 -1.65
CA THR A 2 1.05 2.63 -0.71
C THR A 2 2.16 1.93 0.07
N ALA A 3 3.13 2.72 0.54
CA ALA A 3 4.24 2.19 1.31
C ALA A 3 3.87 2.01 2.78
N SER A 4 2.76 1.31 3.02
CA SER A 4 2.28 1.07 4.39
C SER A 4 2.51 -0.38 4.80
N ILE A 5 2.29 -0.66 6.07
CA ILE A 5 2.47 -2.02 6.60
C ILE A 5 1.38 -2.36 7.61
N PRO A 6 0.39 -3.14 7.16
CA PRO A 6 0.32 -3.62 5.79
C PRO A 6 0.03 -2.51 4.78
N PRO A 7 0.20 -2.82 3.49
CA PRO A 7 -0.04 -1.86 2.41
C PRO A 7 -1.52 -1.53 2.24
N ILE A 8 -1.79 -0.35 1.71
CA ILE A 8 -3.17 0.09 1.49
C ILE A 8 -3.47 0.25 0.00
N CYS A 9 -4.32 -0.62 -0.51
CA CYS A 9 -4.70 -0.57 -1.92
C CYS A 9 -6.22 -0.55 -2.09
N TRP A 13 -3.74 -0.95 -7.95
CA TRP A 13 -3.04 0.33 -8.03
C TRP A 13 -1.66 0.23 -7.40
N ARG A 14 -0.68 0.91 -8.00
CA ARG A 14 0.68 0.89 -7.48
C ARG A 14 0.74 1.37 -6.04
N CYS A 1 0.58 0.65 -5.33
CA CYS A 1 0.12 0.53 -3.96
C CYS A 1 0.93 1.42 -3.03
N THR A 2 0.45 1.60 -1.80
CA THR A 2 1.14 2.43 -0.83
C THR A 2 2.19 1.63 -0.06
N ALA A 3 3.29 2.30 0.31
CA ALA A 3 4.36 1.65 1.05
C ALA A 3 4.06 1.61 2.53
N SER A 4 2.90 1.07 2.89
CA SER A 4 2.48 0.98 4.29
C SER A 4 2.57 -0.46 4.79
N ILE A 5 2.39 -0.63 6.09
CA ILE A 5 2.44 -1.97 6.69
C ILE A 5 1.37 -2.12 7.77
N PRO A 6 0.28 -2.82 7.42
CA PRO A 6 0.11 -3.41 6.09
C PRO A 6 -0.11 -2.35 5.01
N PRO A 7 -0.02 -2.78 3.75
CA PRO A 7 -0.21 -1.89 2.60
C PRO A 7 -1.66 -1.43 2.45
N ILE A 8 -1.86 -0.33 1.73
CA ILE A 8 -3.20 0.20 1.50
C ILE A 8 -3.50 0.33 0.01
N CYS A 9 -4.35 -0.56 -0.49
CA CYS A 9 -4.73 -0.55 -1.89
C CYS A 9 -6.24 -0.67 -2.05
N TRP A 13 -3.73 -0.81 -7.90
CA TRP A 13 -3.14 0.51 -7.97
C TRP A 13 -1.66 0.48 -7.60
N ARG A 14 -0.96 1.58 -7.86
CA ARG A 14 0.46 1.67 -7.55
C ARG A 14 0.69 1.78 -6.05
N CYS A 1 0.65 0.55 -5.24
CA CYS A 1 0.13 0.53 -3.88
C CYS A 1 0.93 1.46 -2.97
N THR A 2 0.44 1.65 -1.75
CA THR A 2 1.10 2.52 -0.79
C THR A 2 2.19 1.76 -0.01
N ALA A 3 3.22 2.48 0.40
CA ALA A 3 4.31 1.87 1.15
C ALA A 3 3.97 1.78 2.63
N SER A 4 2.83 1.17 2.94
CA SER A 4 2.38 1.01 4.31
C SER A 4 2.54 -0.44 4.78
N ILE A 5 2.34 -0.66 6.08
CA ILE A 5 2.45 -1.99 6.64
C ILE A 5 1.37 -2.24 7.70
N PRO A 6 0.32 -2.97 7.30
CA PRO A 6 0.19 -3.51 5.95
C PRO A 6 -0.05 -2.42 4.92
N PRO A 7 0.06 -2.79 3.62
CA PRO A 7 -0.15 -1.86 2.51
C PRO A 7 -1.61 -1.45 2.36
N ILE A 8 -1.84 -0.31 1.71
CA ILE A 8 -3.19 0.18 1.50
C ILE A 8 -3.50 0.32 0.01
N CYS A 9 -4.35 -0.57 -0.49
CA CYS A 9 -4.72 -0.55 -1.90
C CYS A 9 -6.24 -0.62 -2.06
N TRP A 13 -3.73 -0.89 -7.89
CA TRP A 13 -3.08 0.43 -7.96
C TRP A 13 -1.62 0.34 -7.53
N ARG A 14 -0.84 1.35 -7.89
CA ARG A 14 0.57 1.39 -7.54
C ARG A 14 0.76 1.61 -6.04
N CYS A 1 0.64 0.54 -5.24
CA CYS A 1 0.12 0.53 -3.86
C CYS A 1 0.92 1.47 -2.97
N THR A 2 0.45 1.65 -1.74
CA THR A 2 1.11 2.52 -0.79
C THR A 2 2.19 1.78 -0.01
N ALA A 3 3.23 2.49 0.40
CA ALA A 3 4.32 1.89 1.16
C ALA A 3 3.96 1.79 2.64
N SER A 4 2.83 1.17 2.94
CA SER A 4 2.38 1.01 4.32
C SER A 4 2.53 -0.44 4.78
N ILE A 5 2.33 -0.66 6.07
CA ILE A 5 2.45 -2.01 6.63
C ILE A 5 1.36 -2.25 7.68
N PRO A 6 0.31 -2.98 7.28
CA PRO A 6 0.19 -3.52 5.92
C PRO A 6 -0.06 -2.43 4.89
N PRO A 7 0.07 -2.79 3.60
CA PRO A 7 -0.13 -1.85 2.49
C PRO A 7 -1.60 -1.45 2.35
N ILE A 8 -1.82 -0.30 1.71
CA ILE A 8 -3.18 0.20 1.49
C ILE A 8 -3.50 0.33 0.01
N CYS A 9 -4.34 -0.56 -0.49
CA CYS A 9 -4.72 -0.54 -1.91
C CYS A 9 -6.24 -0.61 -2.06
N TRP A 13 -3.72 -0.89 -7.89
CA TRP A 13 -3.08 0.41 -7.96
C TRP A 13 -1.62 0.33 -7.53
N ARG A 14 -0.84 1.35 -7.89
CA ARG A 14 0.58 1.38 -7.54
C ARG A 14 0.76 1.61 -6.04
N CYS A 1 0.65 0.53 -5.23
CA CYS A 1 0.13 0.53 -3.87
C CYS A 1 0.94 1.48 -2.98
N THR A 2 0.46 1.67 -1.75
CA THR A 2 1.13 2.54 -0.80
C THR A 2 2.20 1.80 -0.01
N ALA A 3 3.23 2.52 0.41
CA ALA A 3 4.32 1.92 1.17
C ALA A 3 3.95 1.81 2.65
N SER A 4 2.82 1.18 2.94
CA SER A 4 2.36 1.01 4.30
C SER A 4 2.52 -0.44 4.75
N ILE A 5 2.30 -0.68 6.05
CA ILE A 5 2.42 -2.02 6.60
C ILE A 5 1.33 -2.28 7.65
N PRO A 6 0.28 -3.01 7.24
CA PRO A 6 0.17 -3.54 5.87
C PRO A 6 -0.07 -2.44 4.84
N PRO A 7 0.06 -2.79 3.56
CA PRO A 7 -0.14 -1.86 2.45
C PRO A 7 -1.61 -1.46 2.29
N ILE A 8 -1.83 -0.28 1.73
CA ILE A 8 -3.19 0.22 1.53
C ILE A 8 -3.50 0.36 0.04
N CYS A 9 -4.33 -0.54 -0.47
CA CYS A 9 -4.72 -0.53 -1.88
C CYS A 9 -6.23 -0.60 -2.04
N TRP A 13 -3.72 -0.91 -7.87
CA TRP A 13 -3.08 0.40 -7.94
C TRP A 13 -1.61 0.31 -7.52
N ARG A 14 -0.83 1.33 -7.88
CA ARG A 14 0.59 1.36 -7.54
C ARG A 14 0.78 1.59 -6.05
N CYS A 1 0.62 0.58 -5.27
CA CYS A 1 0.13 0.53 -3.90
C CYS A 1 0.95 1.46 -3.00
N THR A 2 0.47 1.66 -1.77
CA THR A 2 1.15 2.52 -0.82
C THR A 2 2.20 1.75 -0.03
N ALA A 3 3.26 2.46 0.38
CA ALA A 3 4.33 1.84 1.14
C ALA A 3 3.98 1.75 2.62
N SER A 4 2.84 1.14 2.92
CA SER A 4 2.37 0.99 4.29
C SER A 4 2.50 -0.45 4.76
N ILE A 5 2.29 -0.68 6.05
CA ILE A 5 2.39 -2.01 6.62
C ILE A 5 1.30 -2.25 7.66
N PRO A 6 0.24 -2.97 7.25
CA PRO A 6 0.13 -3.52 5.90
C PRO A 6 -0.10 -2.43 4.86
N PRO A 7 0.03 -2.80 3.58
CA PRO A 7 -0.15 -1.87 2.46
C PRO A 7 -1.62 -1.45 2.29
N ILE A 8 -1.83 -0.26 1.74
CA ILE A 8 -3.17 0.25 1.52
C ILE A 8 -3.48 0.37 0.03
N CYS A 9 -4.33 -0.52 -0.46
CA CYS A 9 -4.71 -0.52 -1.87
C CYS A 9 -6.22 -0.61 -2.02
N TRP A 13 -3.72 -0.90 -7.86
CA TRP A 13 -3.09 0.43 -7.95
C TRP A 13 -1.62 0.36 -7.55
N ARG A 14 -0.87 1.41 -7.87
CA ARG A 14 0.54 1.46 -7.55
C ARG A 14 0.75 1.65 -6.05
N CYS A 1 0.58 0.62 -5.30
CA CYS A 1 0.13 0.52 -3.92
C CYS A 1 0.95 1.43 -3.01
N THR A 2 0.48 1.63 -1.79
CA THR A 2 1.17 2.49 -0.83
C THR A 2 2.21 1.70 -0.05
N ALA A 3 3.29 2.37 0.34
CA ALA A 3 4.36 1.74 1.10
C ALA A 3 4.02 1.67 2.58
N SER A 4 2.87 1.10 2.90
CA SER A 4 2.42 0.98 4.28
C SER A 4 2.52 -0.46 4.77
N ILE A 5 2.32 -0.67 6.06
CA ILE A 5 2.38 -2.00 6.64
C ILE A 5 1.30 -2.19 7.70
N PRO A 6 0.22 -2.91 7.31
CA PRO A 6 0.09 -3.47 5.96
C PRO A 6 -0.12 -2.40 4.90
N PRO A 7 0.00 -2.80 3.63
CA PRO A 7 -0.18 -1.88 2.49
C PRO A 7 -1.63 -1.44 2.33
N ILE A 8 -1.81 -0.27 1.73
CA ILE A 8 -3.15 0.27 1.51
C ILE A 8 -3.46 0.38 0.02
N CYS A 9 -4.33 -0.51 -0.47
CA CYS A 9 -4.71 -0.52 -1.87
C CYS A 9 -6.22 -0.62 -2.02
N TRP A 13 -3.72 -0.87 -7.88
CA TRP A 13 -3.12 0.47 -7.97
C TRP A 13 -1.65 0.42 -7.58
N ARG A 14 -0.94 1.51 -7.86
CA ARG A 14 0.48 1.60 -7.54
C ARG A 14 0.70 1.73 -6.03
N CYS A 1 0.69 0.50 -5.09
CA CYS A 1 0.09 0.55 -3.75
C CYS A 1 0.85 1.51 -2.85
N THR A 2 0.38 1.67 -1.62
CA THR A 2 1.02 2.56 -0.66
C THR A 2 2.13 1.85 0.10
N ALA A 3 3.14 2.61 0.51
CA ALA A 3 4.26 2.05 1.25
C ALA A 3 3.94 1.92 2.73
N SER A 4 2.81 1.29 3.03
CA SER A 4 2.38 1.10 4.42
C SER A 4 2.54 -0.35 4.85
N ILE A 5 2.35 -0.61 6.14
CA ILE A 5 2.47 -1.96 6.67
C ILE A 5 1.38 -2.24 7.69
N PRO A 6 0.36 -3.02 7.27
CA PRO A 6 0.30 -3.56 5.91
C PRO A 6 0.04 -2.49 4.86
N PRO A 7 0.20 -2.85 3.59
CA PRO A 7 0.00 -1.93 2.47
C PRO A 7 -1.48 -1.57 2.28
N ILE A 8 -1.73 -0.42 1.68
CA ILE A 8 -3.10 0.03 1.43
C ILE A 8 -3.38 0.16 -0.06
N CYS A 9 -4.35 -0.59 -0.54
CA CYS A 9 -4.71 -0.56 -1.96
C CYS A 9 -6.24 -0.54 -2.12
N TRP A 13 -3.76 -0.94 -8.00
CA TRP A 13 -3.06 0.35 -8.09
C TRP A 13 -1.68 0.26 -7.45
N ARG A 14 -0.73 1.01 -8.00
CA ARG A 14 0.63 1.02 -7.48
C ARG A 14 0.66 1.46 -6.02
N CYS A 1 0.48 0.71 -5.35
CA CYS A 1 0.10 0.52 -3.96
C CYS A 1 0.94 1.39 -3.03
N THR A 2 0.47 1.57 -1.81
CA THR A 2 1.17 2.38 -0.82
C THR A 2 2.22 1.56 -0.07
N ALA A 3 3.34 2.19 0.27
CA ALA A 3 4.40 1.52 1.00
C ALA A 3 4.12 1.51 2.49
N SER A 4 2.94 1.03 2.87
CA SER A 4 2.55 0.98 4.28
C SER A 4 2.55 -0.46 4.78
N ILE A 5 2.38 -0.63 6.09
CA ILE A 5 2.37 -1.95 6.70
C ILE A 5 1.29 -2.05 7.76
N PRO A 6 0.19 -2.74 7.42
CA PRO A 6 0.02 -3.36 6.11
C PRO A 6 -0.15 -2.33 5.00
N PRO A 7 -0.08 -2.79 3.74
CA PRO A 7 -0.23 -1.93 2.57
C PRO A 7 -1.67 -1.44 2.39
N ILE A 8 -1.82 -0.30 1.72
CA ILE A 8 -3.13 0.28 1.49
C ILE A 8 -3.44 0.37 0.00
N CYS A 9 -4.33 -0.50 -0.48
CA CYS A 9 -4.70 -0.52 -1.89
C CYS A 9 -6.21 -0.67 -2.04
N TRP A 13 -3.73 -0.80 -7.91
CA TRP A 13 -3.18 0.55 -7.99
C TRP A 13 -1.69 0.56 -7.64
N ARG A 14 -1.05 1.70 -7.81
CA ARG A 14 0.36 1.84 -7.51
C ARG A 14 0.60 1.86 -6.00
N CYS A 1 0.51 0.70 -5.34
CA CYS A 1 0.11 0.52 -3.95
C CYS A 1 0.95 1.40 -3.02
N THR A 2 0.47 1.58 -1.79
CA THR A 2 1.18 2.39 -0.81
C THR A 2 2.21 1.58 -0.06
N ALA A 3 3.33 2.21 0.29
CA ALA A 3 4.40 1.55 1.01
C ALA A 3 4.12 1.53 2.52
N SER A 4 2.93 1.05 2.88
CA SER A 4 2.54 0.98 4.28
C SER A 4 2.55 -0.46 4.79
N ILE A 5 2.38 -0.62 6.10
CA ILE A 5 2.38 -1.94 6.70
C ILE A 5 1.29 -2.05 7.77
N PRO A 6 0.20 -2.75 7.42
CA PRO A 6 0.03 -3.38 6.11
C PRO A 6 -0.16 -2.35 5.00
N PRO A 7 -0.06 -2.80 3.74
CA PRO A 7 -0.22 -1.93 2.58
C PRO A 7 -1.65 -1.45 2.39
N ILE A 8 -1.81 -0.32 1.73
CA ILE A 8 -3.14 0.26 1.48
C ILE A 8 -3.43 0.35 -0.01
N CYS A 9 -4.33 -0.51 -0.48
CA CYS A 9 -4.70 -0.53 -1.89
C CYS A 9 -6.22 -0.66 -2.04
N TRP A 13 -3.74 -0.81 -7.93
CA TRP A 13 -3.18 0.54 -8.02
C TRP A 13 -1.70 0.54 -7.64
N ARG A 14 -1.04 1.68 -7.84
CA ARG A 14 0.36 1.81 -7.52
C ARG A 14 0.57 1.85 -6.01
N CYS A 1 0.73 0.50 -5.17
CA CYS A 1 0.12 0.56 -3.85
C CYS A 1 0.88 1.52 -2.93
N THR A 2 0.40 1.66 -1.71
CA THR A 2 1.03 2.55 -0.73
C THR A 2 2.13 1.84 0.02
N ALA A 3 3.15 2.59 0.44
CA ALA A 3 4.27 2.03 1.18
C ALA A 3 3.94 1.91 2.68
N SER A 4 2.82 1.27 2.97
CA SER A 4 2.39 1.08 4.35
C SER A 4 2.57 -0.36 4.79
N ILE A 5 2.37 -0.62 6.08
CA ILE A 5 2.51 -1.96 6.63
C ILE A 5 1.45 -2.23 7.69
N PRO A 6 0.42 -2.99 7.30
CA PRO A 6 0.29 -3.54 5.96
C PRO A 6 0.00 -2.46 4.92
N PRO A 7 0.13 -2.82 3.63
CA PRO A 7 -0.12 -1.90 2.52
C PRO A 7 -1.59 -1.54 2.38
N ILE A 8 -1.86 -0.42 1.70
CA ILE A 8 -3.23 0.04 1.50
C ILE A 8 -3.54 0.21 0.02
N CYS A 9 -4.37 -0.68 -0.52
CA CYS A 9 -4.74 -0.62 -1.92
C CYS A 9 -6.26 -0.63 -2.08
N TRP A 13 -3.71 -0.89 -7.91
CA TRP A 13 -3.03 0.40 -7.94
C TRP A 13 -1.60 0.25 -7.45
N ARG A 14 -0.72 1.13 -7.93
CA ARG A 14 0.69 1.09 -7.54
C ARG A 14 0.84 1.50 -6.08
N CYS A 1 0.62 0.57 -5.26
CA CYS A 1 0.12 0.53 -3.89
C CYS A 1 0.93 1.46 -2.99
N THR A 2 0.45 1.64 -1.76
CA THR A 2 1.12 2.51 -0.80
C THR A 2 2.19 1.74 -0.02
N ALA A 3 3.25 2.44 0.38
CA ALA A 3 4.33 1.82 1.13
C ALA A 3 3.99 1.74 2.61
N SER A 4 2.85 1.14 2.92
CA SER A 4 2.40 1.00 4.31
C SER A 4 2.54 -0.44 4.78
N ILE A 5 2.34 -0.66 6.08
CA ILE A 5 2.43 -2.00 6.64
C ILE A 5 1.36 -2.22 7.70
N PRO A 6 0.30 -2.94 7.32
CA PRO A 6 0.16 -3.50 5.97
C PRO A 6 -0.08 -2.41 4.92
N PRO A 7 0.04 -2.79 3.64
CA PRO A 7 -0.16 -1.86 2.52
C PRO A 7 -1.62 -1.44 2.37
N ILE A 8 -1.84 -0.30 1.72
CA ILE A 8 -3.19 0.21 1.50
C ILE A 8 -3.49 0.34 0.01
N CYS A 9 -4.34 -0.55 -0.49
CA CYS A 9 -4.72 -0.54 -1.91
C CYS A 9 -6.24 -0.62 -2.05
N TRP A 13 -3.72 -0.87 -7.89
CA TRP A 13 -3.10 0.44 -7.96
C TRP A 13 -1.63 0.37 -7.54
N ARG A 14 -0.88 1.41 -7.88
CA ARG A 14 0.55 1.47 -7.54
C ARG A 14 0.74 1.65 -6.04
#